data_7OFV
#
_entry.id   7OFV
#
_cell.length_a   55.032
_cell.length_b   55.032
_cell.length_c   147.313
_cell.angle_alpha   90.000
_cell.angle_beta   90.000
_cell.angle_gamma   90.000
#
_symmetry.space_group_name_H-M   'P 43 21 2'
#
loop_
_entity.id
_entity.type
_entity.pdbx_description
1 polymer 'Ephrin type-A receptor 4'
2 polymer 'EphA4 agonist ligand'
3 non-polymer 'ACETATE ION'
4 water water
#
loop_
_entity_poly.entity_id
_entity_poly.type
_entity_poly.pdbx_seq_one_letter_code
_entity_poly.pdbx_strand_id
1 'polypeptide(L)'
;GSHMNEVTLLDSRSVQGELGWIASPLEGGWEEVSIMDEKNTPIRTYQVCNVMEPSQNNWLRTDWITREGAQRVYIEIKFT
LRDCNSLPGVMGTCKETFNLYYYESDNDKERFIRENQFVKIDTIAADESFTQVDIGDRIMKLNTEIRDVGPLSKKGFYLA
FQDVGACIALVSVRVFYKKAPLTVR
;
A
2 'polypeptide(L)' (VDK)(4PQ)(BIF)(HRG)G(VDQ) B
#
# COMPACT_ATOMS: atom_id res chain seq x y z
N SER A 2 -4.78 18.94 -22.32
CA SER A 2 -4.91 17.58 -21.68
C SER A 2 -4.29 17.51 -20.27
N HIS A 3 -3.64 18.57 -19.75
CA HIS A 3 -3.13 18.58 -18.37
C HIS A 3 -4.31 18.43 -17.39
N MET A 4 -4.20 17.48 -16.47
CA MET A 4 -5.21 17.25 -15.41
C MET A 4 -4.58 17.57 -14.06
N ASN A 5 -5.37 18.17 -13.18
CA ASN A 5 -5.01 18.29 -11.76
C ASN A 5 -5.23 16.95 -11.05
N GLU A 6 -4.52 16.76 -9.95
CA GLU A 6 -4.69 15.60 -9.05
C GLU A 6 -5.45 16.07 -7.82
N VAL A 7 -6.50 15.34 -7.44
CA VAL A 7 -7.24 15.51 -6.18
C VAL A 7 -6.83 14.35 -5.28
N THR A 8 -6.17 14.66 -4.18
CA THR A 8 -5.61 13.66 -3.25
C THR A 8 -6.71 13.24 -2.26
N LEU A 9 -6.96 11.92 -2.20
CA LEU A 9 -7.96 11.29 -1.31
C LEU A 9 -7.29 10.76 -0.04
N LEU A 10 -6.04 10.27 -0.14
CA LEU A 10 -5.27 9.69 0.98
C LEU A 10 -3.80 9.93 0.68
N ASP A 11 -3.05 10.39 1.68
CA ASP A 11 -1.58 10.55 1.57
C ASP A 11 -0.99 10.05 2.88
N SER A 12 -0.71 8.77 2.95
CA SER A 12 -0.33 8.13 4.23
C SER A 12 0.96 8.72 4.81
N ARG A 13 1.91 9.07 3.96
CA ARG A 13 3.25 9.57 4.39
C ARG A 13 3.12 10.91 5.14
N SER A 14 2.06 11.69 4.93
N SER A 14 2.05 11.67 4.91
CA SER A 14 1.82 13.00 5.61
CA SER A 14 1.80 12.97 5.55
C SER A 14 0.84 12.87 6.78
C SER A 14 1.09 12.80 6.90
N VAL A 15 0.44 11.64 7.14
CA VAL A 15 -0.23 11.35 8.43
C VAL A 15 0.83 11.37 9.54
N GLN A 16 0.55 12.12 10.60
CA GLN A 16 1.35 12.15 11.85
C GLN A 16 0.58 11.36 12.93
N GLY A 17 1.30 10.55 13.69
CA GLY A 17 0.66 9.60 14.62
C GLY A 17 0.00 8.48 13.86
N GLU A 18 -0.76 7.65 14.58
CA GLU A 18 -1.18 6.30 14.12
C GLU A 18 -2.03 6.41 12.85
N LEU A 19 -1.70 5.61 11.82
CA LEU A 19 -2.55 5.46 10.61
C LEU A 19 -3.86 4.75 10.99
N GLY A 20 -3.76 3.77 11.89
CA GLY A 20 -4.90 3.01 12.41
C GLY A 20 -5.57 2.14 11.36
N TRP A 21 -4.81 1.68 10.36
CA TRP A 21 -5.36 0.68 9.41
C TRP A 21 -5.55 -0.64 10.16
N ILE A 22 -6.36 -1.50 9.59
CA ILE A 22 -6.88 -2.72 10.28
C ILE A 22 -6.16 -3.94 9.72
N ALA A 23 -5.42 -4.65 10.57
CA ALA A 23 -4.66 -5.86 10.17
C ALA A 23 -5.41 -7.14 10.56
N SER A 24 -5.44 -8.10 9.65
CA SER A 24 -6.01 -9.47 9.85
C SER A 24 -4.94 -10.47 9.42
N PRO A 25 -4.26 -11.19 10.34
CA PRO A 25 -4.49 -11.15 11.79
C PRO A 25 -4.04 -9.86 12.49
N LEU A 26 -4.59 -9.59 13.68
CA LEU A 26 -4.28 -8.36 14.47
C LEU A 26 -2.82 -8.38 14.92
N GLU A 27 -2.29 -9.57 15.21
N GLU A 27 -2.30 -9.56 15.28
CA GLU A 27 -0.89 -9.77 15.68
CA GLU A 27 -0.90 -9.77 15.75
C GLU A 27 -0.24 -10.84 14.81
C GLU A 27 -0.23 -10.85 14.86
N GLY A 28 1.07 -10.70 14.62
CA GLY A 28 1.91 -11.69 13.91
C GLY A 28 1.87 -11.58 12.40
N GLY A 29 1.12 -10.62 11.83
CA GLY A 29 1.10 -10.33 10.39
C GLY A 29 1.61 -8.91 10.16
N TRP A 30 0.84 -8.09 9.45
CA TRP A 30 1.21 -6.69 9.23
C TRP A 30 1.29 -5.94 10.57
N GLU A 31 2.36 -5.18 10.76
CA GLU A 31 2.60 -4.36 11.96
C GLU A 31 2.87 -2.92 11.55
N GLU A 32 2.29 -1.96 12.26
CA GLU A 32 2.60 -0.52 12.08
C GLU A 32 3.92 -0.25 12.77
N VAL A 33 4.86 0.33 12.04
CA VAL A 33 6.24 0.61 12.51
C VAL A 33 6.58 2.06 12.13
N SER A 34 6.77 2.92 13.12
CA SER A 34 7.22 4.30 12.86
C SER A 34 8.72 4.24 12.59
N ILE A 35 9.16 4.79 11.44
CA ILE A 35 10.60 4.88 11.09
C ILE A 35 10.96 6.32 10.74
N MET A 36 12.24 6.62 10.83
CA MET A 36 12.78 7.91 10.33
C MET A 36 13.27 7.70 8.90
N ASP A 37 12.86 8.57 7.99
CA ASP A 37 13.42 8.59 6.61
C ASP A 37 14.83 9.20 6.64
N GLU A 38 15.45 9.34 5.48
CA GLU A 38 16.87 9.80 5.35
C GLU A 38 17.00 11.27 5.78
N LYS A 39 15.88 12.01 5.91
CA LYS A 39 15.89 13.40 6.46
C LYS A 39 15.45 13.44 7.93
N ASN A 40 15.42 12.30 8.63
CA ASN A 40 15.00 12.18 10.06
C ASN A 40 13.55 12.68 10.24
N THR A 41 12.70 12.46 9.23
CA THR A 41 11.25 12.74 9.28
C THR A 41 10.52 11.42 9.55
N PRO A 42 9.62 11.37 10.55
CA PRO A 42 8.87 10.16 10.84
C PRO A 42 7.83 9.79 9.77
N ILE A 43 7.79 8.50 9.44
CA ILE A 43 6.79 7.90 8.52
C ILE A 43 6.16 6.74 9.26
N ARG A 44 4.84 6.63 9.18
CA ARG A 44 4.12 5.44 9.65
C ARG A 44 4.18 4.41 8.52
N THR A 45 4.91 3.31 8.73
CA THR A 45 5.02 2.20 7.75
C THR A 45 4.23 0.99 8.22
N TYR A 46 3.91 0.09 7.30
CA TYR A 46 3.37 -1.24 7.63
C TYR A 46 4.34 -2.29 7.11
N GLN A 47 4.71 -3.24 7.96
CA GLN A 47 5.78 -4.21 7.66
C GLN A 47 5.37 -5.61 8.06
N VAL A 48 5.90 -6.58 7.32
CA VAL A 48 5.76 -8.01 7.69
C VAL A 48 6.92 -8.75 7.06
N CYS A 49 7.39 -9.80 7.72
CA CYS A 49 8.52 -10.61 7.22
C CYS A 49 8.49 -12.00 7.85
N ASN A 50 7.44 -12.77 7.58
CA ASN A 50 7.27 -14.15 8.13
C ASN A 50 7.85 -15.19 7.15
N VAL A 51 9.09 -14.99 6.72
CA VAL A 51 9.71 -15.83 5.65
C VAL A 51 10.15 -17.21 6.16
N MET A 52 10.22 -17.45 7.48
CA MET A 52 10.56 -18.80 8.00
C MET A 52 9.29 -19.63 8.26
N GLU A 53 8.13 -19.13 7.82
CA GLU A 53 6.82 -19.82 7.90
C GLU A 53 6.40 -20.35 6.52
N PRO A 54 5.37 -21.22 6.47
CA PRO A 54 4.67 -21.50 5.22
C PRO A 54 4.07 -20.24 4.58
N SER A 55 3.53 -20.38 3.37
CA SER A 55 2.94 -19.21 2.66
C SER A 55 1.90 -18.53 3.56
N GLN A 56 1.82 -17.21 3.41
CA GLN A 56 1.06 -16.32 4.30
C GLN A 56 -0.24 -15.86 3.66
N ASN A 57 -1.10 -15.32 4.52
CA ASN A 57 -2.36 -14.69 4.08
C ASN A 57 -2.68 -13.53 5.04
N ASN A 58 -1.78 -12.56 5.05
CA ASN A 58 -1.87 -11.40 5.98
C ASN A 58 -2.52 -10.24 5.25
N TRP A 59 -3.64 -9.77 5.77
CA TRP A 59 -4.42 -8.67 5.17
C TRP A 59 -4.26 -7.40 6.00
N LEU A 60 -4.29 -6.29 5.29
CA LEU A 60 -4.25 -4.94 5.89
C LEU A 60 -5.21 -4.09 5.09
N ARG A 61 -6.13 -3.40 5.74
CA ARG A 61 -7.06 -2.54 4.98
C ARG A 61 -7.12 -1.15 5.57
N THR A 62 -7.38 -0.22 4.67
CA THR A 62 -7.65 1.18 5.01
C THR A 62 -9.06 1.29 5.56
N ASP A 63 -9.39 2.43 6.15
CA ASP A 63 -10.83 2.75 6.35
C ASP A 63 -11.36 3.25 5.00
N TRP A 64 -12.64 3.54 4.99
CA TRP A 64 -13.36 3.93 3.75
C TRP A 64 -12.78 5.23 3.19
N ILE A 65 -12.65 5.26 1.88
CA ILE A 65 -12.13 6.42 1.10
C ILE A 65 -13.25 6.82 0.15
N THR A 66 -13.68 8.07 0.23
CA THR A 66 -14.62 8.61 -0.78
C THR A 66 -13.98 8.59 -2.16
N ARG A 67 -14.77 8.37 -3.21
CA ARG A 67 -14.28 8.62 -4.59
C ARG A 67 -14.81 9.94 -5.18
N GLU A 68 -15.64 10.70 -4.44
CA GLU A 68 -16.16 12.02 -4.89
C GLU A 68 -16.71 11.95 -6.32
N GLY A 69 -17.41 10.88 -6.71
CA GLY A 69 -17.88 10.77 -8.12
C GLY A 69 -16.77 10.76 -9.19
N ALA A 70 -15.50 10.52 -8.84
CA ALA A 70 -14.45 10.17 -9.83
C ALA A 70 -14.81 8.84 -10.50
N GLN A 71 -14.54 8.72 -11.80
CA GLN A 71 -14.73 7.45 -12.56
C GLN A 71 -13.55 6.51 -12.30
N ARG A 72 -12.35 7.05 -12.12
CA ARG A 72 -11.08 6.28 -11.98
C ARG A 72 -10.26 6.85 -10.83
N VAL A 73 -9.68 5.97 -10.02
CA VAL A 73 -8.75 6.34 -8.93
C VAL A 73 -7.41 5.69 -9.19
N TYR A 74 -6.36 6.43 -8.85
CA TYR A 74 -4.93 6.05 -8.97
C TYR A 74 -4.41 5.78 -7.57
N ILE A 75 -3.63 4.70 -7.45
CA ILE A 75 -3.07 4.24 -6.15
C ILE A 75 -1.57 4.10 -6.36
N GLU A 76 -0.80 4.94 -5.71
CA GLU A 76 0.67 4.93 -5.80
C GLU A 76 1.23 4.41 -4.48
N ILE A 77 2.01 3.34 -4.57
CA ILE A 77 2.61 2.70 -3.37
C ILE A 77 4.11 2.83 -3.45
N LYS A 78 4.71 3.38 -2.41
CA LYS A 78 6.18 3.28 -2.23
C LYS A 78 6.47 2.20 -1.20
N PHE A 79 7.43 1.35 -1.53
CA PHE A 79 7.73 0.17 -0.68
C PHE A 79 9.18 -0.25 -0.85
N THR A 80 9.67 -0.95 0.16
CA THR A 80 11.02 -1.55 0.11
C THR A 80 10.89 -3.00 0.55
N LEU A 81 11.76 -3.83 0.01
CA LEU A 81 11.71 -5.27 0.34
C LEU A 81 13.12 -5.77 0.53
N ARG A 82 13.21 -6.86 1.27
CA ARG A 82 14.47 -7.60 1.41
C ARG A 82 14.45 -8.77 0.42
N ASP A 83 15.54 -8.93 -0.31
CA ASP A 83 15.70 -9.96 -1.36
C ASP A 83 15.60 -11.37 -0.76
N CYS A 84 14.85 -12.26 -1.41
CA CYS A 84 14.68 -13.65 -0.92
C CYS A 84 16.01 -14.40 -0.90
N ASN A 85 16.92 -14.04 -1.80
CA ASN A 85 18.26 -14.69 -1.84
C ASN A 85 19.16 -14.24 -0.68
N SER A 86 18.72 -13.28 0.14
CA SER A 86 19.45 -12.84 1.36
C SER A 86 18.84 -13.46 2.63
N LEU A 87 17.84 -14.33 2.47
CA LEU A 87 17.13 -14.92 3.62
C LEU A 87 17.26 -16.43 3.61
N PRO A 88 17.25 -17.06 4.80
CA PRO A 88 17.42 -18.50 4.88
C PRO A 88 16.15 -19.26 4.49
N GLY A 89 16.34 -20.54 4.24
CA GLY A 89 15.25 -21.51 4.03
C GLY A 89 15.31 -22.13 2.65
N VAL A 90 14.94 -23.40 2.53
CA VAL A 90 14.91 -24.13 1.23
C VAL A 90 13.50 -24.67 1.03
N MET A 91 12.48 -23.96 1.51
CA MET A 91 11.07 -24.37 1.26
C MET A 91 10.52 -23.73 -0.03
N GLY A 92 11.17 -22.72 -0.59
CA GLY A 92 10.75 -22.09 -1.86
C GLY A 92 9.50 -21.21 -1.72
N THR A 93 9.18 -20.74 -0.52
CA THR A 93 7.94 -19.94 -0.28
C THR A 93 8.21 -18.43 -0.30
N CYS A 94 9.46 -17.98 -0.22
CA CYS A 94 9.75 -16.52 -0.11
C CYS A 94 9.33 -15.84 -1.40
N LYS A 95 8.64 -14.70 -1.28
CA LYS A 95 8.20 -13.89 -2.43
C LYS A 95 8.79 -12.49 -2.29
N GLU A 96 8.85 -11.78 -3.42
CA GLU A 96 9.28 -10.38 -3.50
C GLU A 96 8.14 -9.52 -4.05
N THR A 97 6.90 -9.97 -3.85
CA THR A 97 5.71 -9.26 -4.31
C THR A 97 4.69 -9.20 -3.17
N PHE A 98 3.70 -8.35 -3.34
CA PHE A 98 2.48 -8.37 -2.52
C PHE A 98 1.30 -8.08 -3.43
N ASN A 99 0.10 -8.32 -2.90
CA ASN A 99 -1.14 -8.18 -3.69
C ASN A 99 -1.91 -6.95 -3.23
N LEU A 100 -2.42 -6.20 -4.19
CA LEU A 100 -3.25 -5.00 -3.97
C LEU A 100 -4.69 -5.32 -4.37
N TYR A 101 -5.64 -4.91 -3.54
CA TYR A 101 -7.08 -5.16 -3.72
C TYR A 101 -7.87 -3.90 -3.42
N TYR A 102 -9.11 -3.87 -3.89
CA TYR A 102 -10.09 -2.85 -3.46
C TYR A 102 -11.46 -3.45 -3.35
N TYR A 103 -12.25 -2.82 -2.49
CA TYR A 103 -13.66 -3.19 -2.25
C TYR A 103 -14.49 -1.90 -2.32
N GLU A 104 -15.29 -1.73 -3.37
CA GLU A 104 -16.22 -0.58 -3.51
C GLU A 104 -17.43 -0.78 -2.60
N SER A 105 -17.84 0.27 -1.87
CA SER A 105 -18.97 0.20 -0.93
C SER A 105 -19.61 1.58 -0.73
N ASP A 106 -20.93 1.57 -0.58
CA ASP A 106 -21.70 2.74 -0.09
C ASP A 106 -21.60 2.86 1.42
N ASN A 107 -21.19 1.79 2.10
CA ASN A 107 -21.13 1.70 3.58
C ASN A 107 -19.72 2.17 4.01
N ASP A 108 -19.65 3.28 4.74
CA ASP A 108 -18.38 3.87 5.22
C ASP A 108 -17.93 3.30 6.57
N LYS A 109 -18.63 2.29 7.11
CA LYS A 109 -18.29 1.64 8.42
C LYS A 109 -18.33 0.12 8.26
N GLU A 110 -17.78 -0.40 7.16
CA GLU A 110 -17.76 -1.87 6.93
C GLU A 110 -16.75 -2.48 7.91
N ARG A 111 -17.07 -3.66 8.42
CA ARG A 111 -16.13 -4.46 9.24
C ARG A 111 -16.33 -5.94 8.93
N PHE A 112 -15.27 -6.73 9.04
CA PHE A 112 -15.36 -8.21 8.95
C PHE A 112 -15.89 -8.59 7.57
N ILE A 113 -15.11 -8.19 6.56
CA ILE A 113 -15.44 -8.27 5.12
C ILE A 113 -14.86 -9.59 4.59
N ARG A 114 -15.53 -10.23 3.65
CA ARG A 114 -15.01 -11.49 3.07
C ARG A 114 -13.81 -11.20 2.15
N GLU A 115 -12.85 -12.12 2.09
CA GLU A 115 -11.79 -12.00 1.06
C GLU A 115 -12.41 -11.83 -0.33
N ASN A 116 -13.50 -12.56 -0.61
CA ASN A 116 -14.09 -12.59 -1.98
C ASN A 116 -14.90 -11.32 -2.28
N GLN A 117 -15.02 -10.38 -1.33
CA GLN A 117 -15.58 -9.04 -1.64
C GLN A 117 -14.49 -8.11 -2.16
N PHE A 118 -13.23 -8.48 -1.96
CA PHE A 118 -12.08 -7.68 -2.46
C PHE A 118 -11.78 -8.12 -3.90
N VAL A 119 -11.62 -7.15 -4.78
CA VAL A 119 -11.24 -7.35 -6.21
C VAL A 119 -9.74 -7.08 -6.33
N LYS A 120 -9.01 -8.03 -6.90
CA LYS A 120 -7.57 -7.87 -7.08
C LYS A 120 -7.29 -6.80 -8.13
N ILE A 121 -6.42 -5.86 -7.80
CA ILE A 121 -5.92 -4.83 -8.74
C ILE A 121 -4.73 -5.43 -9.47
N ASP A 122 -3.73 -5.89 -8.73
CA ASP A 122 -2.51 -6.49 -9.33
C ASP A 122 -1.65 -7.12 -8.25
N THR A 123 -0.73 -7.97 -8.71
CA THR A 123 0.49 -8.35 -7.97
C THR A 123 1.48 -7.20 -8.16
N ILE A 124 1.95 -6.64 -7.07
CA ILE A 124 2.90 -5.50 -7.07
C ILE A 124 4.30 -6.05 -6.88
N ALA A 125 5.18 -5.70 -7.81
CA ALA A 125 6.60 -6.10 -7.83
C ALA A 125 7.49 -4.88 -7.92
N ALA A 126 8.72 -5.00 -7.41
CA ALA A 126 9.77 -4.02 -7.68
C ALA A 126 10.10 -4.04 -9.18
N ASP A 127 10.16 -2.87 -9.79
CA ASP A 127 10.41 -2.75 -11.25
C ASP A 127 11.40 -1.60 -11.49
N GLU A 128 11.25 -0.83 -12.56
CA GLU A 128 12.29 0.17 -12.94
C GLU A 128 12.18 1.46 -12.13
N SER A 129 10.99 1.77 -11.58
N SER A 129 11.00 1.76 -11.57
CA SER A 129 10.70 3.03 -10.87
CA SER A 129 10.72 3.02 -10.86
C SER A 129 11.09 2.90 -9.40
C SER A 129 11.11 2.88 -9.39
N PHE A 130 12.19 3.54 -9.00
CA PHE A 130 12.63 3.56 -7.58
C PHE A 130 13.55 4.76 -7.37
N THR A 131 13.47 5.27 -6.15
CA THR A 131 14.39 6.30 -5.64
C THR A 131 15.51 5.52 -4.94
N GLN A 132 16.72 5.96 -5.18
CA GLN A 132 17.91 5.39 -4.55
C GLN A 132 18.16 6.20 -3.28
N VAL A 133 18.22 5.52 -2.14
CA VAL A 133 18.43 6.18 -0.82
C VAL A 133 19.72 5.61 -0.23
N ASP A 134 20.69 6.46 0.04
CA ASP A 134 21.92 6.02 0.76
C ASP A 134 21.52 5.66 2.20
N ILE A 135 21.64 4.38 2.57
CA ILE A 135 21.48 3.86 3.97
C ILE A 135 22.87 3.39 4.40
N GLY A 136 23.69 4.31 4.88
CA GLY A 136 25.11 4.03 5.21
C GLY A 136 25.88 3.65 3.96
N ASP A 137 26.51 2.47 3.96
CA ASP A 137 27.27 1.92 2.80
C ASP A 137 26.34 1.37 1.70
N ARG A 138 25.06 1.12 1.99
CA ARG A 138 24.10 0.46 1.04
C ARG A 138 23.29 1.51 0.25
N ILE A 139 22.86 1.14 -0.96
CA ILE A 139 21.85 1.93 -1.73
C ILE A 139 20.52 1.18 -1.68
N MET A 140 19.56 1.69 -0.91
CA MET A 140 18.19 1.13 -0.82
C MET A 140 17.38 1.62 -2.02
N LYS A 141 16.63 0.70 -2.63
CA LYS A 141 15.61 1.04 -3.63
C LYS A 141 14.31 1.25 -2.85
N LEU A 142 13.83 2.47 -2.81
CA LEU A 142 12.43 2.74 -2.45
C LEU A 142 11.67 2.68 -3.77
N ASN A 143 10.96 1.57 -3.98
CA ASN A 143 10.23 1.31 -5.23
C ASN A 143 8.93 2.10 -5.23
N THR A 144 8.54 2.61 -6.40
CA THR A 144 7.26 3.33 -6.58
C THR A 144 6.48 2.61 -7.67
N GLU A 145 5.28 2.13 -7.33
CA GLU A 145 4.38 1.52 -8.30
C GLU A 145 3.01 2.19 -8.22
N ILE A 146 2.42 2.38 -9.38
CA ILE A 146 1.09 3.04 -9.49
C ILE A 146 0.19 2.11 -10.29
N ARG A 147 -1.07 2.05 -9.88
CA ARG A 147 -2.13 1.31 -10.59
C ARG A 147 -3.38 2.18 -10.54
N ASP A 148 -4.33 1.91 -11.42
CA ASP A 148 -5.61 2.63 -11.39
C ASP A 148 -6.76 1.66 -11.60
N VAL A 149 -7.92 2.06 -11.12
CA VAL A 149 -9.15 1.23 -11.06
C VAL A 149 -10.35 2.06 -11.47
N GLY A 150 -11.29 1.41 -12.11
CA GLY A 150 -12.56 2.00 -12.55
C GLY A 150 -13.17 1.16 -13.66
N PRO A 151 -14.39 1.49 -14.14
CA PRO A 151 -15.18 2.64 -13.68
C PRO A 151 -15.87 2.40 -12.33
N LEU A 152 -15.68 3.34 -11.40
CA LEU A 152 -16.20 3.23 -10.03
C LEU A 152 -17.69 3.54 -10.02
N SER A 153 -18.42 2.94 -9.09
CA SER A 153 -19.91 2.99 -9.08
C SER A 153 -20.53 3.09 -7.68
N LYS A 154 -19.74 3.08 -6.60
CA LYS A 154 -20.25 3.20 -5.20
C LYS A 154 -19.69 4.50 -4.62
N LYS A 155 -20.19 4.90 -3.45
CA LYS A 155 -19.81 6.19 -2.83
C LYS A 155 -18.31 6.23 -2.57
N GLY A 156 -17.74 5.12 -2.13
CA GLY A 156 -16.30 5.03 -1.88
C GLY A 156 -15.78 3.62 -1.97
N PHE A 157 -14.62 3.39 -1.37
CA PHE A 157 -13.92 2.09 -1.49
C PHE A 157 -12.97 1.93 -0.33
N TYR A 158 -12.63 0.68 -0.07
CA TYR A 158 -11.58 0.26 0.90
C TYR A 158 -10.43 -0.29 0.07
N LEU A 159 -9.20 0.09 0.41
N LEU A 159 -9.20 0.06 0.45
CA LEU A 159 -8.01 -0.56 -0.17
CA LEU A 159 -7.96 -0.48 -0.18
C LEU A 159 -7.52 -1.65 0.78
C LEU A 159 -7.41 -1.55 0.76
N ALA A 160 -6.91 -2.68 0.22
CA ALA A 160 -6.32 -3.75 1.03
C ALA A 160 -5.04 -4.24 0.40
N PHE A 161 -4.16 -4.67 1.27
CA PHE A 161 -2.83 -5.19 0.93
C PHE A 161 -2.75 -6.60 1.49
N GLN A 162 -2.36 -7.56 0.66
CA GLN A 162 -2.21 -8.97 1.09
C GLN A 162 -0.75 -9.36 0.96
N ASP A 163 -0.18 -9.84 2.05
CA ASP A 163 1.16 -10.47 2.09
C ASP A 163 0.99 -11.98 1.95
N VAL A 164 1.70 -12.59 1.00
CA VAL A 164 1.69 -14.07 0.78
C VAL A 164 3.03 -14.69 1.21
N GLY A 165 3.97 -13.91 1.75
CA GLY A 165 5.25 -14.43 2.27
C GLY A 165 6.44 -13.66 1.78
N ALA A 166 6.38 -12.34 1.86
CA ALA A 166 7.48 -11.44 1.48
C ALA A 166 8.07 -10.80 2.73
N CYS A 167 9.23 -10.20 2.55
CA CYS A 167 9.85 -9.35 3.59
C CYS A 167 9.69 -7.91 3.08
N ILE A 168 8.59 -7.27 3.46
CA ILE A 168 8.01 -6.11 2.74
C ILE A 168 7.71 -4.99 3.74
N ALA A 169 7.97 -3.76 3.33
CA ALA A 169 7.59 -2.56 4.11
C ALA A 169 6.87 -1.60 3.18
N LEU A 170 5.63 -1.28 3.51
CA LEU A 170 4.87 -0.24 2.80
C LEU A 170 5.19 1.10 3.43
N VAL A 171 5.75 2.01 2.64
CA VAL A 171 6.30 3.30 3.15
C VAL A 171 5.32 4.45 2.87
N SER A 172 4.66 4.47 1.72
CA SER A 172 3.74 5.56 1.29
C SER A 172 2.59 4.91 0.51
N VAL A 173 1.39 5.33 0.81
CA VAL A 173 0.19 5.03 -0.01
C VAL A 173 -0.46 6.38 -0.32
N ARG A 174 -0.50 6.74 -1.59
CA ARG A 174 -1.11 8.01 -2.06
C ARG A 174 -2.19 7.62 -3.05
N VAL A 175 -3.40 8.08 -2.79
CA VAL A 175 -4.59 7.75 -3.60
C VAL A 175 -5.16 9.06 -4.11
N PHE A 176 -5.39 9.15 -5.40
CA PHE A 176 -5.85 10.41 -6.03
C PHE A 176 -6.70 10.10 -7.25
N TYR A 177 -7.48 11.09 -7.66
CA TYR A 177 -8.14 11.08 -9.00
C TYR A 177 -7.72 12.32 -9.78
N LYS A 178 -8.04 12.30 -11.08
CA LYS A 178 -7.67 13.36 -12.03
C LYS A 178 -8.91 14.22 -12.32
N LYS A 179 -8.70 15.52 -12.37
CA LYS A 179 -9.78 16.51 -12.57
C LYS A 179 -9.27 17.61 -13.48
N ALA A 180 -10.09 18.00 -14.45
CA ALA A 180 -9.76 19.13 -15.35
C ALA A 180 -9.51 20.39 -14.51
N PRO A 181 -8.56 21.26 -14.90
CA PRO A 181 -8.39 22.53 -14.20
C PRO A 181 -9.66 23.39 -14.22
N LEU A 182 -9.86 24.16 -13.14
CA LEU A 182 -11.06 25.03 -13.06
C LEU A 182 -10.76 26.32 -13.83
N THR A 183 -11.86 27.00 -14.12
CA THR A 183 -11.85 28.35 -14.67
C THR A 183 -11.79 29.34 -13.50
N VAL A 184 -10.80 30.21 -13.50
CA VAL A 184 -10.67 31.26 -12.45
C VAL A 184 -11.58 32.41 -12.87
N ARG A 185 -12.78 32.46 -12.28
CA ARG A 185 -13.78 33.50 -12.58
C ARG A 185 -13.12 34.87 -12.46
N GLY B 5 14.52 2.17 8.63
CA GLY B 5 14.65 3.54 8.16
C GLY B 5 16.11 3.89 8.02
#